data_6WHP
#
_entry.id   6WHP
#
_cell.length_a   129.500
_cell.length_b   129.500
_cell.length_c   160.010
_cell.angle_alpha   90.000
_cell.angle_beta   90.000
_cell.angle_gamma   120.000
#
_symmetry.space_group_name_H-M   'H 3 2'
#
loop_
_entity.id
_entity.type
_entity.pdbx_description
1 polymer 'Choline kinase'
2 non-polymer 1,2-ETHANEDIOL
3 non-polymer 'CHLORIDE ION'
4 water water
#
_entity_poly.entity_id   1
_entity_poly.type   'polypeptide(L)'
_entity_poly.pdbx_seq_one_letter_code
;MAHHHHHHGVRHVALSVDASEWRQPVFKQKVLAILRRLHVPRWSSPLLTPTNIHLQKVSGALTNAVFFVSFNPAPNPTSP
SESPLLTPTIPPSDPSHPPPLTPEQYPHTLLFRVYGPSSDALISRSEELRILHVLSTQYGIGPRVFGTFTNGRVEEFFPS
RALTAQELRDPIISRGIARRMRELHSVDLRRLGYEQGRATEPALWICLKEWSEAAEDVISSLTALGGTLEAWVERFSLHR
IREEVTIYRNFVESQSGKGNGVVFAHNDTQYGNLLRLDVELPPNTPEHCRYIVIDFEYASPNPRGYDIANHFHEWRANYH
HPTHSHSLIPHFPYPTPIQREDFYRSYLSVEVDGRNGEEVVGKRKDVPADKVAALEHEVRIWSPGCSINWALWGLVQAEE
QVCALATKKEGYVPEFDYLSYAAERLEMFRDEAKKLGVPL
;
_entity_poly.pdbx_strand_id   A
#
# COMPACT_ATOMS: atom_id res chain seq x y z
N VAL A 10 -21.53 -5.44 -8.45
CA VAL A 10 -21.07 -4.32 -7.63
C VAL A 10 -21.73 -3.03 -8.05
N ARG A 11 -22.48 -2.42 -7.15
CA ARG A 11 -23.27 -1.25 -7.49
C ARG A 11 -22.38 -0.06 -7.83
N HIS A 12 -22.90 0.82 -8.68
CA HIS A 12 -22.16 1.98 -9.13
C HIS A 12 -23.07 3.19 -9.18
N VAL A 13 -22.53 4.35 -8.82
CA VAL A 13 -23.26 5.61 -8.92
C VAL A 13 -22.36 6.59 -9.66
N ALA A 14 -22.94 7.30 -10.64
CA ALA A 14 -22.17 8.20 -11.50
C ALA A 14 -22.17 9.60 -10.90
N LEU A 15 -21.47 9.72 -9.77
CA LEU A 15 -21.24 11.00 -9.13
C LEU A 15 -19.80 11.05 -8.66
N SER A 16 -19.28 12.27 -8.53
CA SER A 16 -17.91 12.52 -8.12
C SER A 16 -17.88 13.42 -6.90
N VAL A 17 -16.76 13.34 -6.17
CA VAL A 17 -16.48 14.30 -5.12
C VAL A 17 -15.19 14.99 -5.48
N ASP A 18 -15.04 16.21 -5.00
CA ASP A 18 -13.78 16.91 -5.06
C ASP A 18 -13.10 16.76 -3.70
N ALA A 19 -12.05 15.96 -3.64
CA ALA A 19 -11.40 15.70 -2.36
C ALA A 19 -10.85 16.98 -1.73
N SER A 20 -10.47 17.98 -2.55
CA SER A 20 -9.96 19.23 -2.00
C SER A 20 -11.03 20.00 -1.23
N GLU A 21 -12.30 19.65 -1.39
CA GLU A 21 -13.40 20.32 -0.72
C GLU A 21 -13.90 19.55 0.51
N TRP A 22 -13.06 18.70 1.09
CA TRP A 22 -13.58 17.78 2.10
C TRP A 22 -13.99 18.50 3.39
N ARG A 23 -13.49 19.70 3.66
CA ARG A 23 -13.91 20.40 4.86
C ARG A 23 -15.21 21.18 4.66
N GLN A 24 -15.87 21.02 3.53
CA GLN A 24 -17.03 21.88 3.26
C GLN A 24 -18.32 21.06 3.30
N PRO A 25 -19.43 21.67 3.69
CA PRO A 25 -20.70 20.94 3.75
C PRO A 25 -21.09 20.23 2.47
N VAL A 26 -20.79 20.80 1.28
CA VAL A 26 -21.19 20.10 0.05
C VAL A 26 -20.56 18.71 -0.01
N PHE A 27 -19.39 18.53 0.60
CA PHE A 27 -18.74 17.24 0.58
C PHE A 27 -19.58 16.19 1.30
N LYS A 28 -20.12 16.54 2.50
CA LYS A 28 -20.99 15.61 3.22
C LYS A 28 -22.27 15.36 2.44
N GLN A 29 -22.80 16.38 1.75
CA GLN A 29 -24.02 16.19 0.97
C GLN A 29 -23.76 15.19 -0.15
N LYS A 30 -22.63 15.33 -0.84
CA LYS A 30 -22.35 14.41 -1.93
C LYS A 30 -22.03 13.01 -1.42
N VAL A 31 -21.34 12.90 -0.27
CA VAL A 31 -21.09 11.58 0.31
C VAL A 31 -22.41 10.88 0.62
N LEU A 32 -23.34 11.60 1.25
CA LEU A 32 -24.62 10.97 1.57
C LEU A 32 -25.37 10.54 0.30
N ALA A 33 -25.36 11.39 -0.73
CA ALA A 33 -26.00 11.03 -2.01
C ALA A 33 -25.41 9.73 -2.56
N ILE A 34 -24.09 9.58 -2.47
CA ILE A 34 -23.47 8.36 -2.98
C ILE A 34 -23.87 7.16 -2.13
N LEU A 35 -23.98 7.34 -0.81
CA LEU A 35 -24.32 6.20 0.04
C LEU A 35 -25.76 5.73 -0.23
N ARG A 36 -26.68 6.68 -0.44
CA ARG A 36 -28.06 6.31 -0.75
C ARG A 36 -28.15 5.57 -2.07
N ARG A 37 -27.56 6.12 -3.13
CA ARG A 37 -27.64 5.45 -4.42
C ARG A 37 -26.92 4.11 -4.40
N LEU A 38 -25.93 3.96 -3.53
CA LEU A 38 -25.31 2.65 -3.38
C LEU A 38 -26.14 1.72 -2.50
N HIS A 39 -27.20 2.23 -1.87
CA HIS A 39 -27.99 1.46 -0.92
C HIS A 39 -27.11 0.92 0.22
N VAL A 40 -26.13 1.70 0.65
CA VAL A 40 -25.39 1.30 1.85
C VAL A 40 -26.39 1.13 2.99
N PRO A 41 -26.41 -0.01 3.70
CA PRO A 41 -27.41 -0.19 4.74
C PRO A 41 -27.24 0.82 5.86
N ARG A 42 -28.36 1.24 6.42
CA ARG A 42 -28.48 2.15 7.57
C ARG A 42 -28.18 3.57 7.13
N TRP A 43 -27.06 3.77 6.45
CA TRP A 43 -26.77 5.09 5.89
C TRP A 43 -27.84 5.53 4.88
N SER A 44 -28.53 4.57 4.26
CA SER A 44 -29.60 4.89 3.31
C SER A 44 -30.90 5.30 3.98
N SER A 45 -30.97 5.25 5.30
CA SER A 45 -32.22 5.53 5.99
C SER A 45 -32.74 6.90 5.58
N PRO A 46 -34.01 7.03 5.21
CA PRO A 46 -34.53 8.36 4.87
C PRO A 46 -34.63 9.29 6.07
N LEU A 47 -34.35 8.81 7.29
CA LEU A 47 -34.43 9.67 8.47
C LEU A 47 -33.15 10.47 8.70
N LEU A 48 -32.08 10.18 7.97
CA LEU A 48 -30.80 10.85 8.13
C LEU A 48 -30.62 11.96 7.09
N THR A 49 -29.69 12.87 7.40
CA THR A 49 -29.26 13.96 6.54
C THR A 49 -27.74 14.03 6.57
N PRO A 50 -27.13 14.88 5.74
CA PRO A 50 -25.66 14.98 5.76
C PRO A 50 -25.05 15.39 7.10
N THR A 51 -25.80 16.02 7.99
CA THR A 51 -25.17 16.42 9.25
C THR A 51 -24.84 15.22 10.11
N ASN A 52 -25.40 14.05 9.79
CA ASN A 52 -25.09 12.80 10.49
C ASN A 52 -23.75 12.20 10.07
N ILE A 53 -23.06 12.78 9.09
CA ILE A 53 -21.77 12.26 8.64
C ILE A 53 -20.68 12.85 9.53
N HIS A 54 -20.07 12.02 10.37
CA HIS A 54 -18.87 12.39 11.11
C HIS A 54 -17.68 12.03 10.22
N LEU A 55 -16.99 13.05 9.69
CA LEU A 55 -16.05 12.89 8.58
C LEU A 55 -14.62 13.12 9.05
N GLN A 56 -13.73 12.18 8.77
CA GLN A 56 -12.31 12.36 9.06
CA GLN A 56 -12.31 12.35 9.08
C GLN A 56 -11.46 11.97 7.86
N LYS A 57 -10.43 12.76 7.61
CA LYS A 57 -9.44 12.43 6.60
C LYS A 57 -8.32 11.62 7.26
N VAL A 58 -8.05 10.45 6.71
CA VAL A 58 -7.04 9.56 7.26
C VAL A 58 -5.68 10.04 6.80
N SER A 59 -4.78 10.29 7.75
CA SER A 59 -3.48 10.83 7.39
C SER A 59 -2.58 9.75 6.80
N GLY A 60 -1.47 10.20 6.22
CA GLY A 60 -0.49 9.27 5.68
C GLY A 60 -0.84 8.67 4.34
N ALA A 61 -2.06 8.82 3.85
CA ALA A 61 -2.32 8.52 2.45
C ALA A 61 -1.52 9.49 1.58
N LEU A 62 -0.93 8.98 0.50
CA LEU A 62 -0.10 9.77 -0.40
C LEU A 62 -0.79 10.05 -1.73
N THR A 63 -1.04 9.00 -2.50
CA THR A 63 -1.69 9.15 -3.80
C THR A 63 -3.13 9.64 -3.62
N ASN A 64 -3.92 8.86 -2.90
CA ASN A 64 -5.37 9.01 -2.86
C ASN A 64 -5.80 9.54 -1.51
N ALA A 65 -6.96 10.18 -1.49
CA ALA A 65 -7.53 10.65 -0.25
C ALA A 65 -8.50 9.59 0.29
N VAL A 66 -8.35 9.25 1.56
CA VAL A 66 -9.18 8.27 2.24
C VAL A 66 -9.87 8.96 3.41
N PHE A 67 -11.15 8.70 3.59
CA PHE A 67 -11.92 9.33 4.64
C PHE A 67 -12.64 8.28 5.48
N PHE A 68 -12.72 8.55 6.77
CA PHE A 68 -13.66 7.87 7.65
C PHE A 68 -15.03 8.54 7.52
N VAL A 69 -16.07 7.72 7.42
CA VAL A 69 -17.45 8.17 7.50
C VAL A 69 -18.10 7.33 8.60
N SER A 70 -18.44 7.97 9.71
CA SER A 70 -19.08 7.29 10.83
C SER A 70 -20.25 8.16 11.29
N PHE A 71 -21.01 7.64 12.24
CA PHE A 71 -22.29 8.24 12.61
C PHE A 71 -22.09 9.38 13.61
N ASN A 72 -22.67 10.57 13.28
CA ASN A 72 -22.78 11.68 14.22
C ASN A 72 -24.20 11.72 14.75
N PRO A 73 -24.43 11.41 16.03
CA PRO A 73 -25.80 11.40 16.55
C PRO A 73 -26.38 12.78 16.83
N ALA A 74 -25.56 13.82 16.89
CA ALA A 74 -26.01 15.14 17.32
C ALA A 74 -26.81 15.82 16.21
N PRO A 75 -27.76 16.70 16.59
CA PRO A 75 -28.52 17.45 15.56
C PRO A 75 -27.64 18.38 14.74
N ASN A 76 -26.56 18.88 15.30
CA ASN A 76 -25.65 19.76 14.60
C ASN A 76 -24.40 19.00 14.14
N PRO A 77 -23.81 19.40 13.01
CA PRO A 77 -22.70 18.62 12.46
C PRO A 77 -21.40 18.83 13.23
N THR A 78 -20.54 17.82 13.15
CA THR A 78 -19.19 17.95 13.68
C THR A 78 -18.28 18.61 12.66
N SER A 79 -17.19 19.21 13.15
CA SER A 79 -16.27 19.75 12.18
C SER A 79 -15.36 18.63 11.68
N PRO A 80 -15.09 18.59 10.38
CA PRO A 80 -14.22 17.53 9.84
C PRO A 80 -12.80 17.70 10.34
N SER A 81 -12.15 16.58 10.66
CA SER A 81 -10.80 16.65 11.21
C SER A 81 -9.92 15.61 10.54
N GLU A 82 -8.63 15.70 10.80
CA GLU A 82 -7.70 14.65 10.37
C GLU A 82 -7.55 13.60 11.47
N SER A 83 -7.19 12.38 11.08
CA SER A 83 -7.09 11.30 12.03
C SER A 83 -6.20 10.21 11.44
N PRO A 84 -5.55 9.41 12.28
CA PRO A 84 -4.81 8.25 11.77
C PRO A 84 -5.79 7.13 11.44
N LEU A 85 -5.25 6.06 10.85
CA LEU A 85 -6.11 4.91 10.59
C LEU A 85 -6.40 4.16 11.89
N LEU A 86 -7.51 4.52 12.53
CA LEU A 86 -7.92 4.00 13.83
C LEU A 86 -9.42 4.20 13.98
N THR A 87 -10.12 3.17 14.46
CA THR A 87 -11.56 3.19 14.73
C THR A 87 -12.00 4.54 15.31
N PRO A 88 -12.83 5.30 14.59
CA PRO A 88 -13.24 6.62 15.10
C PRO A 88 -13.98 6.50 16.42
N THR A 89 -13.65 7.39 17.35
CA THR A 89 -14.47 7.55 18.55
C THR A 89 -15.84 8.09 18.18
N ILE A 90 -16.87 7.61 18.88
CA ILE A 90 -18.23 8.09 18.66
C ILE A 90 -18.37 9.52 19.20
N PRO A 91 -18.76 10.48 18.38
CA PRO A 91 -18.88 11.87 18.86
C PRO A 91 -20.13 12.03 19.71
N PRO A 92 -20.17 13.05 20.56
CA PRO A 92 -21.24 13.14 21.58
C PRO A 92 -22.59 13.48 20.99
N SER A 93 -23.64 13.06 21.69
CA SER A 93 -25.02 13.34 21.31
C SER A 93 -25.59 14.49 22.12
N ASP A 94 -26.78 14.94 21.71
CA ASP A 94 -27.55 15.94 22.46
C ASP A 94 -28.73 15.23 23.11
N PRO A 95 -28.68 15.03 24.43
CA PRO A 95 -29.74 14.25 25.12
C PRO A 95 -31.14 14.80 24.95
N SER A 96 -31.30 16.10 24.75
CA SER A 96 -32.61 16.68 24.56
C SER A 96 -33.10 16.56 23.13
N HIS A 97 -32.23 16.20 22.18
CA HIS A 97 -32.60 16.08 20.78
C HIS A 97 -31.96 14.82 20.23
N PRO A 98 -32.47 13.66 20.61
CA PRO A 98 -31.84 12.39 20.25
C PRO A 98 -31.84 12.21 18.74
N PRO A 99 -30.94 11.39 18.22
CA PRO A 99 -31.03 11.00 16.82
C PRO A 99 -32.32 10.24 16.58
N PRO A 100 -32.77 10.15 15.33
CA PRO A 100 -34.04 9.46 15.04
C PRO A 100 -33.95 7.95 15.05
N LEU A 101 -32.79 7.41 15.40
CA LEU A 101 -32.59 5.98 15.47
C LEU A 101 -32.12 5.60 16.87
N THR A 102 -32.46 4.39 17.28
CA THR A 102 -31.87 3.84 18.49
C THR A 102 -30.55 3.16 18.15
N PRO A 103 -29.73 2.86 19.16
CA PRO A 103 -28.33 2.52 18.87
C PRO A 103 -28.11 1.31 17.99
N GLU A 104 -28.99 0.28 18.03
CA GLU A 104 -28.78 -0.88 17.17
C GLU A 104 -28.93 -0.53 15.69
N GLN A 105 -29.56 0.60 15.37
CA GLN A 105 -29.70 1.04 13.98
C GLN A 105 -28.67 2.07 13.54
N TYR A 106 -27.77 2.53 14.44
CA TYR A 106 -26.77 3.50 14.05
C TYR A 106 -25.97 2.98 12.86
N PRO A 107 -25.67 3.83 11.87
CA PRO A 107 -24.86 3.40 10.73
C PRO A 107 -23.45 3.01 11.14
N HIS A 108 -22.91 2.01 10.44
CA HIS A 108 -21.56 1.56 10.73
C HIS A 108 -20.55 2.44 10.02
N THR A 109 -19.30 2.36 10.48
CA THR A 109 -18.24 3.19 9.94
C THR A 109 -17.76 2.68 8.59
N LEU A 110 -17.46 3.61 7.68
CA LEU A 110 -17.08 3.28 6.32
C LEU A 110 -15.73 3.91 6.00
N LEU A 111 -15.04 3.30 5.04
CA LEU A 111 -13.90 3.91 4.38
C LEU A 111 -14.38 4.43 3.04
N PHE A 112 -14.08 5.69 2.77
CA PHE A 112 -14.51 6.38 1.55
C PHE A 112 -13.23 6.75 0.81
N ARG A 113 -12.92 6.01 -0.24
CA ARG A 113 -11.68 6.20 -0.99
C ARG A 113 -11.94 7.07 -2.20
N VAL A 114 -11.12 8.11 -2.36
CA VAL A 114 -11.17 8.99 -3.52
C VAL A 114 -9.88 8.82 -4.30
N TYR A 115 -9.98 8.49 -5.58
CA TYR A 115 -8.80 8.24 -6.41
C TYR A 115 -8.17 9.55 -6.86
N GLY A 116 -6.84 9.57 -6.88
CA GLY A 116 -6.12 10.60 -7.59
C GLY A 116 -5.95 10.20 -9.03
N PRO A 117 -5.01 10.83 -9.73
CA PRO A 117 -4.64 10.37 -11.08
C PRO A 117 -3.56 9.30 -11.05
N SER A 118 -3.64 8.39 -12.01
CA SER A 118 -2.68 7.29 -12.15
C SER A 118 -2.80 6.65 -13.52
N LEU A 122 0.85 1.58 -13.45
CA LEU A 122 0.41 0.39 -12.73
C LEU A 122 -0.92 -0.14 -13.29
N ILE A 123 -1.69 -0.83 -12.42
CA ILE A 123 -2.96 -1.41 -12.85
C ILE A 123 -4.04 -0.34 -12.86
N SER A 124 -5.07 -0.57 -13.69
CA SER A 124 -6.21 0.34 -13.74
C SER A 124 -7.16 0.09 -12.57
N ARG A 125 -8.06 1.05 -12.35
CA ARG A 125 -9.09 0.90 -11.32
C ARG A 125 -10.11 -0.16 -11.72
N SER A 126 -10.50 -0.18 -13.00
CA SER A 126 -11.47 -1.18 -13.45
C SER A 126 -10.88 -2.58 -13.36
N GLU A 127 -9.59 -2.73 -13.67
CA GLU A 127 -8.95 -4.03 -13.45
C GLU A 127 -8.70 -4.26 -11.97
N GLU A 128 -8.37 -3.21 -11.20
CA GLU A 128 -8.22 -3.40 -9.76
C GLU A 128 -9.51 -3.88 -9.13
N LEU A 129 -10.65 -3.40 -9.62
CA LEU A 129 -11.94 -3.85 -9.09
C LEU A 129 -12.18 -5.33 -9.38
N ARG A 130 -11.95 -5.75 -10.62
CA ARG A 130 -12.15 -7.15 -10.97
C ARG A 130 -11.22 -8.05 -10.17
N ILE A 131 -10.00 -7.59 -9.93
CA ILE A 131 -9.07 -8.38 -9.13
C ILE A 131 -9.56 -8.48 -7.69
N LEU A 132 -9.90 -7.33 -7.08
CA LEU A 132 -10.44 -7.35 -5.73
C LEU A 132 -11.63 -8.28 -5.62
N HIS A 133 -12.46 -8.32 -6.67
CA HIS A 133 -13.62 -9.20 -6.63
C HIS A 133 -13.20 -10.67 -6.60
N VAL A 134 -12.26 -11.04 -7.45
CA VAL A 134 -11.76 -12.41 -7.42
C VAL A 134 -11.11 -12.71 -6.07
N LEU A 135 -10.31 -11.78 -5.55
CA LEU A 135 -9.58 -12.05 -4.31
C LEU A 135 -10.53 -12.34 -3.16
N SER A 136 -11.64 -11.59 -3.08
CA SER A 136 -12.62 -11.78 -2.01
C SER A 136 -13.44 -13.07 -2.21
N THR A 137 -13.99 -13.27 -3.41
CA THR A 137 -14.94 -14.37 -3.58
C THR A 137 -14.27 -15.73 -3.73
N GLN A 138 -13.05 -15.79 -4.26
CA GLN A 138 -12.40 -17.08 -4.47
C GLN A 138 -11.29 -17.36 -3.46
N TYR A 139 -10.80 -16.35 -2.74
CA TYR A 139 -9.69 -16.55 -1.83
C TYR A 139 -9.86 -15.92 -0.45
N GLY A 140 -10.96 -15.20 -0.20
CA GLY A 140 -11.20 -14.67 1.12
C GLY A 140 -10.26 -13.55 1.51
N ILE A 141 -9.79 -12.77 0.55
CA ILE A 141 -8.88 -11.67 0.80
C ILE A 141 -9.53 -10.37 0.35
N GLY A 142 -9.43 -9.33 1.18
CA GLY A 142 -9.78 -8.01 0.76
C GLY A 142 -11.02 -7.46 1.44
N PRO A 143 -11.31 -6.20 1.17
CA PRO A 143 -12.39 -5.51 1.87
C PRO A 143 -13.76 -5.75 1.24
N ARG A 144 -14.79 -5.54 2.03
CA ARG A 144 -16.14 -5.56 1.49
C ARG A 144 -16.39 -4.21 0.83
N VAL A 145 -16.60 -4.21 -0.49
CA VAL A 145 -16.84 -2.99 -1.24
C VAL A 145 -18.35 -2.81 -1.40
N PHE A 146 -18.90 -1.75 -0.80
CA PHE A 146 -20.33 -1.48 -0.98
C PHE A 146 -20.66 -1.04 -2.40
N GLY A 147 -19.76 -0.30 -3.04
CA GLY A 147 -19.97 0.15 -4.40
C GLY A 147 -18.92 1.16 -4.80
N THR A 148 -18.97 1.54 -6.07
CA THR A 148 -18.04 2.52 -6.63
C THR A 148 -18.79 3.76 -7.08
N PHE A 149 -18.09 4.88 -7.10
CA PHE A 149 -18.58 6.11 -7.73
C PHE A 149 -17.55 6.54 -8.77
N THR A 150 -17.79 7.68 -9.43
CA THR A 150 -17.00 8.02 -10.61
C THR A 150 -15.50 8.03 -10.32
N ASN A 151 -15.08 8.60 -9.18
CA ASN A 151 -13.65 8.64 -8.89
C ASN A 151 -13.35 8.06 -7.50
N GLY A 152 -14.00 6.97 -7.12
CA GLY A 152 -13.60 6.30 -5.88
C GLY A 152 -14.49 5.13 -5.56
N ARG A 153 -14.41 4.66 -4.31
CA ARG A 153 -15.26 3.56 -3.90
C ARG A 153 -15.46 3.62 -2.40
N VAL A 154 -16.44 2.84 -1.94
CA VAL A 154 -16.92 2.87 -0.56
C VAL A 154 -16.78 1.47 0.01
N GLU A 155 -16.13 1.37 1.15
CA GLU A 155 -15.80 0.08 1.73
C GLU A 155 -16.28 0.02 3.18
N GLU A 156 -16.58 -1.19 3.62
CA GLU A 156 -16.77 -1.44 5.04
C GLU A 156 -15.46 -1.17 5.77
N PHE A 157 -15.54 -0.52 6.93
CA PHE A 157 -14.41 -0.46 7.86
C PHE A 157 -14.69 -1.40 9.03
N PHE A 158 -13.86 -2.42 9.18
CA PHE A 158 -13.89 -3.26 10.37
C PHE A 158 -13.01 -2.62 11.45
N PRO A 159 -13.48 -2.54 12.70
CA PRO A 159 -12.66 -1.92 13.76
C PRO A 159 -11.26 -2.50 13.79
N SER A 160 -10.27 -1.60 13.79
CA SER A 160 -8.88 -1.97 13.56
C SER A 160 -8.00 -0.73 13.61
N ARG A 161 -6.69 -0.93 13.48
CA ARG A 161 -5.75 0.16 13.29
C ARG A 161 -4.55 -0.33 12.49
N ALA A 162 -3.89 0.63 11.85
CA ALA A 162 -2.58 0.41 11.24
C ALA A 162 -1.56 -0.04 12.28
N LEU A 163 -0.59 -0.83 11.83
CA LEU A 163 0.55 -1.13 12.68
C LEU A 163 1.45 0.10 12.80
N THR A 164 2.34 0.06 13.79
CA THR A 164 3.43 1.02 13.88
C THR A 164 4.68 0.41 13.25
N ALA A 165 5.65 1.27 12.95
CA ALA A 165 6.96 0.80 12.52
C ALA A 165 7.58 -0.14 13.54
N GLN A 166 7.47 0.21 14.83
CA GLN A 166 8.06 -0.64 15.87
C GLN A 166 7.45 -2.03 15.88
N GLU A 167 6.19 -2.16 15.45
CA GLU A 167 5.49 -3.44 15.57
C GLU A 167 5.90 -4.46 14.50
N LEU A 168 6.55 -4.01 13.41
CA LEU A 168 6.98 -4.93 12.35
C LEU A 168 7.96 -5.98 12.85
N ARG A 169 8.77 -5.66 13.86
CA ARG A 169 9.79 -6.59 14.34
C ARG A 169 9.30 -7.44 15.51
N ASP A 170 8.08 -7.21 16.00
CA ASP A 170 7.47 -8.09 16.99
C ASP A 170 7.31 -9.50 16.41
N PRO A 171 7.89 -10.54 17.03
CA PRO A 171 7.87 -11.88 16.41
C PRO A 171 6.47 -12.42 16.14
N ILE A 172 5.49 -12.11 17.00
CA ILE A 172 4.14 -12.60 16.76
C ILE A 172 3.51 -11.88 15.59
N ILE A 173 3.67 -10.56 15.53
CA ILE A 173 3.11 -9.79 14.43
C ILE A 173 3.84 -10.13 13.13
N SER A 174 5.17 -10.18 13.17
CA SER A 174 5.93 -10.57 11.99
C SER A 174 5.45 -11.91 11.46
N ARG A 175 5.20 -12.87 12.37
CA ARG A 175 4.70 -14.18 11.95
C ARG A 175 3.36 -14.06 11.21
N GLY A 176 2.47 -13.22 11.71
CA GLY A 176 1.21 -13.02 11.02
C GLY A 176 1.38 -12.38 9.66
N ILE A 177 2.28 -11.40 9.56
CA ILE A 177 2.52 -10.78 8.26
C ILE A 177 3.02 -11.82 7.26
N ALA A 178 3.96 -12.67 7.68
CA ALA A 178 4.48 -13.70 6.78
C ALA A 178 3.37 -14.63 6.31
N ARG A 179 2.51 -15.05 7.24
CA ARG A 179 1.37 -15.88 6.87
C ARG A 179 0.51 -15.21 5.79
N ARG A 180 0.09 -13.96 6.04
CA ARG A 180 -0.83 -13.30 5.12
C ARG A 180 -0.24 -13.16 3.73
N MET A 181 1.07 -12.89 3.65
CA MET A 181 1.71 -12.78 2.34
C MET A 181 1.75 -14.12 1.64
N ARG A 182 2.08 -15.19 2.36
CA ARG A 182 2.00 -16.54 1.81
C ARG A 182 0.62 -16.81 1.24
N GLU A 183 -0.42 -16.39 1.97
CA GLU A 183 -1.78 -16.61 1.50
C GLU A 183 -2.05 -15.78 0.25
N LEU A 184 -1.59 -14.53 0.23
CA LEU A 184 -1.67 -13.74 -1.00
C LEU A 184 -0.95 -14.44 -2.15
N HIS A 185 0.27 -14.92 -1.91
CA HIS A 185 1.09 -15.54 -2.95
C HIS A 185 0.54 -16.86 -3.46
N SER A 186 -0.42 -17.47 -2.77
CA SER A 186 -0.94 -18.75 -3.25
C SER A 186 -2.08 -18.57 -4.23
N VAL A 187 -2.51 -17.32 -4.47
CA VAL A 187 -3.52 -17.02 -5.46
C VAL A 187 -3.06 -17.48 -6.84
N ASP A 188 -3.93 -18.20 -7.54
CA ASP A 188 -3.69 -18.62 -8.92
C ASP A 188 -3.77 -17.38 -9.82
N LEU A 189 -2.63 -16.98 -10.37
CA LEU A 189 -2.59 -15.77 -11.20
C LEU A 189 -3.51 -15.89 -12.41
N ARG A 190 -3.81 -17.11 -12.84
CA ARG A 190 -4.66 -17.25 -14.03
C ARG A 190 -6.08 -16.81 -13.72
N ARG A 191 -6.56 -17.07 -12.50
CA ARG A 191 -7.88 -16.59 -12.10
C ARG A 191 -7.96 -15.07 -12.11
N LEU A 192 -6.84 -14.37 -12.06
CA LEU A 192 -6.83 -12.91 -12.05
C LEU A 192 -6.71 -12.31 -13.44
N GLY A 193 -6.57 -13.13 -14.47
CA GLY A 193 -6.50 -12.63 -15.82
C GLY A 193 -5.13 -12.71 -16.45
N TYR A 194 -4.10 -13.10 -15.70
CA TYR A 194 -2.75 -13.27 -16.24
C TYR A 194 -2.64 -14.68 -16.79
N GLU A 195 -2.78 -14.81 -18.12
CA GLU A 195 -2.89 -16.12 -18.73
C GLU A 195 -1.67 -16.99 -18.46
N GLN A 196 -0.49 -16.38 -18.39
CA GLN A 196 0.74 -17.15 -18.28
C GLN A 196 1.04 -17.63 -16.87
N GLY A 197 0.21 -17.26 -15.88
CA GLY A 197 0.40 -17.79 -14.54
C GLY A 197 1.75 -17.41 -13.98
N ARG A 198 2.43 -18.40 -13.37
CA ARG A 198 3.70 -18.14 -12.70
C ARG A 198 4.80 -17.72 -13.67
N ALA A 199 4.62 -17.96 -14.96
CA ALA A 199 5.59 -17.54 -15.95
C ALA A 199 5.37 -16.13 -16.45
N THR A 200 4.41 -15.39 -15.87
CA THR A 200 4.20 -14.00 -16.25
C THR A 200 5.45 -13.18 -15.95
N GLU A 201 5.74 -12.19 -16.79
CA GLU A 201 6.88 -11.32 -16.56
C GLU A 201 6.69 -10.50 -15.28
N PRO A 202 7.72 -10.38 -14.45
CA PRO A 202 7.63 -9.53 -13.25
C PRO A 202 7.20 -8.11 -13.58
N ALA A 203 6.24 -7.60 -12.81
CA ALA A 203 5.79 -6.22 -12.96
C ALA A 203 6.90 -5.23 -12.65
N LEU A 204 7.90 -5.64 -11.88
CA LEU A 204 9.03 -4.78 -11.60
C LEU A 204 9.62 -4.20 -12.87
N TRP A 205 9.85 -5.04 -13.89
CA TRP A 205 10.54 -4.56 -15.08
C TRP A 205 9.71 -3.54 -15.84
N ILE A 206 8.41 -3.77 -15.96
CA ILE A 206 7.56 -2.80 -16.65
C ILE A 206 7.51 -1.49 -15.86
N CYS A 207 7.52 -1.57 -14.52
CA CYS A 207 7.52 -0.36 -13.71
C CYS A 207 8.80 0.43 -13.88
N LEU A 208 9.95 -0.26 -13.95
CA LEU A 208 11.21 0.45 -14.10
C LEU A 208 11.31 1.11 -15.48
N LYS A 209 10.74 0.50 -16.51
CA LYS A 209 10.84 1.10 -17.83
C LYS A 209 9.95 2.34 -17.92
N GLU A 210 8.70 2.23 -17.48
CA GLU A 210 7.78 3.37 -17.58
C GLU A 210 8.23 4.51 -16.69
N TRP A 211 8.59 4.23 -15.44
CA TRP A 211 8.96 5.30 -14.53
C TRP A 211 10.31 5.91 -14.87
N SER A 212 11.22 5.14 -15.51
CA SER A 212 12.46 5.78 -15.94
C SER A 212 12.21 6.75 -17.10
N GLU A 213 11.25 6.44 -17.96
CA GLU A 213 10.91 7.38 -19.02
C GLU A 213 10.18 8.61 -18.46
N ALA A 214 9.28 8.43 -17.49
CA ALA A 214 8.66 9.58 -16.85
C ALA A 214 9.67 10.39 -16.04
N ALA A 215 10.56 9.71 -15.30
CA ALA A 215 11.62 10.38 -14.56
C ALA A 215 12.42 11.29 -15.47
N GLU A 216 12.79 10.78 -16.63
CA GLU A 216 13.51 11.57 -17.61
C GLU A 216 12.73 12.82 -17.99
N ASP A 217 11.42 12.69 -18.27
CA ASP A 217 10.61 13.87 -18.53
C ASP A 217 10.67 14.86 -17.37
N VAL A 218 10.62 14.38 -16.13
CA VAL A 218 10.58 15.29 -14.98
C VAL A 218 11.89 16.04 -14.86
N ILE A 219 13.00 15.32 -14.78
CA ILE A 219 14.27 16.01 -14.53
C ILE A 219 14.78 16.79 -15.72
N SER A 220 14.16 16.68 -16.91
CA SER A 220 14.68 17.48 -18.02
C SER A 220 14.50 18.97 -17.77
N SER A 221 13.58 19.38 -16.90
CA SER A 221 13.45 20.79 -16.56
C SER A 221 14.66 21.29 -15.78
N LEU A 222 15.20 20.44 -14.91
CA LEU A 222 16.42 20.80 -14.19
C LEU A 222 17.59 20.93 -15.16
N THR A 223 17.79 19.91 -16.01
CA THR A 223 18.90 19.94 -16.97
C THR A 223 18.83 21.16 -17.88
N ALA A 224 17.63 21.46 -18.41
CA ALA A 224 17.47 22.55 -19.37
C ALA A 224 17.88 23.91 -18.81
N LEU A 225 17.79 24.08 -17.49
CA LEU A 225 18.22 25.32 -16.86
C LEU A 225 19.73 25.42 -16.73
N GLY A 226 20.45 24.31 -16.79
CA GLY A 226 21.89 24.38 -16.63
C GLY A 226 22.27 24.69 -15.20
N GLY A 227 23.49 25.20 -15.04
CA GLY A 227 23.97 25.70 -13.77
C GLY A 227 23.76 24.74 -12.63
N THR A 228 23.34 25.29 -11.48
CA THR A 228 23.10 24.57 -10.24
C THR A 228 22.38 23.25 -10.46
N LEU A 229 21.15 23.35 -10.99
CA LEU A 229 20.22 22.21 -11.02
C LEU A 229 20.71 21.12 -11.97
N GLU A 230 21.29 21.51 -13.11
CA GLU A 230 21.90 20.50 -13.98
C GLU A 230 23.05 19.81 -13.28
N ALA A 231 23.87 20.57 -12.54
CA ALA A 231 24.95 19.99 -11.75
C ALA A 231 24.42 18.96 -10.77
N TRP A 232 23.25 19.23 -10.17
CA TRP A 232 22.66 18.28 -9.24
C TRP A 232 22.31 16.96 -9.94
N VAL A 233 21.72 17.04 -11.13
CA VAL A 233 21.36 15.84 -11.88
C VAL A 233 22.59 15.05 -12.28
N GLU A 234 23.69 15.74 -12.59
CA GLU A 234 24.94 15.07 -12.93
C GLU A 234 25.65 14.51 -11.72
N ARG A 235 25.54 15.17 -10.56
CA ARG A 235 26.17 14.64 -9.35
C ARG A 235 25.61 13.26 -9.02
N PHE A 236 24.30 13.05 -9.20
CA PHE A 236 23.68 11.76 -8.95
C PHE A 236 23.45 10.96 -10.23
N SER A 237 24.18 11.31 -11.30
CA SER A 237 24.20 10.67 -12.62
C SER A 237 22.88 9.99 -13.00
N LEU A 238 21.80 10.76 -13.06
CA LEU A 238 20.48 10.15 -13.23
C LEU A 238 20.24 9.60 -14.63
N HIS A 239 21.12 9.83 -15.60
CA HIS A 239 20.84 9.36 -16.94
C HIS A 239 21.30 7.93 -17.19
N ARG A 240 22.32 7.46 -16.46
CA ARG A 240 22.86 6.12 -16.59
C ARG A 240 22.02 5.06 -15.87
N ILE A 241 20.82 5.42 -15.41
CA ILE A 241 20.01 4.49 -14.64
C ILE A 241 19.49 3.36 -15.53
N ARG A 242 19.00 3.71 -16.72
CA ARG A 242 18.57 2.68 -17.67
C ARG A 242 19.67 1.65 -17.90
N GLU A 243 20.92 2.12 -18.04
CA GLU A 243 22.04 1.21 -18.22
C GLU A 243 22.33 0.39 -16.97
N GLU A 244 21.87 0.83 -15.81
CA GLU A 244 22.10 0.10 -14.57
C GLU A 244 20.97 -0.88 -14.25
N VAL A 245 19.73 -0.54 -14.65
CA VAL A 245 18.64 -1.51 -14.59
C VAL A 245 18.97 -2.72 -15.43
N THR A 246 19.35 -2.49 -16.69
CA THR A 246 19.61 -3.58 -17.62
C THR A 246 20.73 -4.47 -17.12
N ILE A 247 21.79 -3.89 -16.55
CA ILE A 247 22.88 -4.71 -16.01
C ILE A 247 22.39 -5.54 -14.83
N TYR A 248 21.59 -4.93 -13.95
CA TYR A 248 21.03 -5.66 -12.83
C TYR A 248 20.08 -6.76 -13.30
N ARG A 249 19.26 -6.47 -14.32
CA ARG A 249 18.32 -7.48 -14.82
C ARG A 249 19.05 -8.68 -15.39
N ASN A 250 20.15 -8.47 -16.11
CA ASN A 250 20.91 -9.57 -16.69
C ASN A 250 21.59 -10.40 -15.61
N PHE A 251 22.00 -9.77 -14.51
CA PHE A 251 22.57 -10.56 -13.42
C PHE A 251 21.50 -11.44 -12.78
N VAL A 252 20.31 -10.88 -12.55
CA VAL A 252 19.25 -11.59 -11.86
C VAL A 252 18.81 -12.81 -12.65
N GLU A 253 18.42 -12.60 -13.91
CA GLU A 253 17.99 -13.72 -14.74
C GLU A 253 19.06 -14.78 -14.87
N SER A 254 20.34 -14.38 -14.77
CA SER A 254 21.43 -15.35 -14.80
C SER A 254 21.60 -16.10 -13.50
N GLN A 255 20.84 -15.77 -12.47
CA GLN A 255 20.93 -16.48 -11.21
C GLN A 255 20.03 -17.71 -11.24
N SER A 256 20.58 -18.86 -10.83
CA SER A 256 19.77 -20.06 -10.73
C SER A 256 18.86 -20.04 -9.51
N GLY A 257 19.19 -19.24 -8.50
CA GLY A 257 18.39 -19.20 -7.29
C GLY A 257 17.34 -18.10 -7.27
N LYS A 258 17.02 -17.55 -8.45
CA LYS A 258 16.11 -16.40 -8.55
C LYS A 258 14.68 -16.73 -8.19
N GLY A 259 14.33 -18.01 -8.01
CA GLY A 259 12.98 -18.41 -7.72
C GLY A 259 12.24 -18.89 -8.96
N ASN A 260 11.06 -19.47 -8.72
CA ASN A 260 10.27 -20.10 -9.78
C ASN A 260 9.20 -19.12 -10.25
N GLY A 261 9.62 -18.16 -11.09
CA GLY A 261 8.64 -17.26 -11.64
C GLY A 261 8.08 -16.30 -10.60
N VAL A 262 6.82 -15.90 -10.78
CA VAL A 262 6.25 -14.80 -10.02
C VAL A 262 4.96 -15.27 -9.34
N VAL A 263 4.52 -14.49 -8.37
CA VAL A 263 3.28 -14.71 -7.65
C VAL A 263 2.54 -13.38 -7.61
N PHE A 264 1.30 -13.42 -7.13
CA PHE A 264 0.56 -12.19 -6.89
C PHE A 264 1.15 -11.50 -5.66
N ALA A 265 1.94 -10.46 -5.89
CA ALA A 265 2.62 -9.74 -4.83
C ALA A 265 1.85 -8.50 -4.44
N HIS A 266 1.93 -8.14 -3.17
CA HIS A 266 1.34 -6.90 -2.70
C HIS A 266 2.17 -5.70 -3.15
N ASN A 267 3.50 -5.80 -3.05
CA ASN A 267 4.51 -4.84 -3.50
C ASN A 267 4.58 -3.59 -2.63
N ASP A 268 3.87 -3.52 -1.51
CA ASP A 268 3.87 -2.30 -0.71
C ASP A 268 3.50 -2.55 0.74
N THR A 269 4.14 -3.55 1.38
CA THR A 269 3.82 -3.90 2.77
C THR A 269 4.55 -2.99 3.78
N GLN A 270 4.45 -1.67 3.59
CA GLN A 270 4.83 -0.73 4.63
C GLN A 270 3.84 -0.86 5.78
N TYR A 271 4.26 -0.39 6.96
CA TYR A 271 3.44 -0.58 8.15
C TYR A 271 2.07 0.09 7.99
N GLY A 272 1.96 1.12 7.15
CA GLY A 272 0.68 1.80 6.99
C GLY A 272 -0.37 0.95 6.29
N ASN A 273 0.04 -0.12 5.61
CA ASN A 273 -0.87 -1.01 4.91
C ASN A 273 -1.00 -2.36 5.60
N LEU A 274 -0.67 -2.42 6.88
CA LEU A 274 -0.79 -3.62 7.69
C LEU A 274 -1.69 -3.28 8.86
N LEU A 275 -2.68 -4.13 9.10
CA LEU A 275 -3.74 -3.80 10.03
C LEU A 275 -3.76 -4.78 11.20
N ARG A 276 -3.96 -4.25 12.41
CA ARG A 276 -4.31 -5.05 13.56
C ARG A 276 -5.82 -5.01 13.73
N LEU A 277 -6.48 -6.17 13.63
CA LEU A 277 -7.93 -6.23 13.74
C LEU A 277 -8.32 -6.16 15.20
N ASP A 278 -9.28 -5.30 15.53
CA ASP A 278 -9.79 -5.19 16.90
C ASP A 278 -10.99 -6.12 16.98
N VAL A 279 -10.74 -7.37 17.39
CA VAL A 279 -11.76 -8.42 17.33
C VAL A 279 -11.41 -9.49 18.34
N GLU A 280 -12.46 -10.10 18.91
CA GLU A 280 -12.32 -11.28 19.75
C GLU A 280 -12.15 -12.51 18.85
N LEU A 281 -10.94 -13.12 18.87
CA LEU A 281 -10.67 -14.26 18.01
C LEU A 281 -11.32 -15.53 18.56
N PRO A 282 -11.67 -16.47 17.69
CA PRO A 282 -12.26 -17.72 18.17
C PRO A 282 -11.28 -18.46 19.06
N PRO A 283 -11.78 -19.29 19.99
CA PRO A 283 -10.86 -20.12 20.77
C PRO A 283 -9.97 -20.97 19.86
N ASN A 284 -8.70 -21.05 20.23
CA ASN A 284 -7.62 -21.77 19.56
C ASN A 284 -7.06 -21.01 18.36
N THR A 285 -7.73 -19.95 17.89
CA THR A 285 -7.19 -19.16 16.78
C THR A 285 -5.98 -18.35 17.27
N PRO A 286 -4.82 -18.48 16.62
CA PRO A 286 -3.61 -17.85 17.15
C PRO A 286 -3.66 -16.33 17.07
N GLU A 287 -2.92 -15.71 18.00
CA GLU A 287 -2.86 -14.26 18.06
C GLU A 287 -2.46 -13.63 16.73
N HIS A 288 -1.54 -14.25 15.98
CA HIS A 288 -1.09 -13.57 14.76
C HIS A 288 -2.14 -13.55 13.66
N CYS A 289 -3.24 -14.27 13.78
CA CYS A 289 -4.29 -14.15 12.76
C CYS A 289 -5.08 -12.86 12.84
N ARG A 290 -4.90 -12.02 13.87
CA ARG A 290 -5.62 -10.75 13.83
C ARG A 290 -4.98 -9.74 12.91
N TYR A 291 -3.90 -10.09 12.23
CA TYR A 291 -3.19 -9.16 11.37
C TYR A 291 -3.50 -9.46 9.91
N ILE A 292 -3.76 -8.41 9.14
CA ILE A 292 -4.02 -8.55 7.71
C ILE A 292 -3.32 -7.45 6.94
N VAL A 293 -3.26 -7.64 5.63
CA VAL A 293 -2.70 -6.70 4.68
C VAL A 293 -3.86 -5.96 4.02
N ILE A 294 -3.68 -4.66 3.76
CA ILE A 294 -4.69 -3.89 3.06
C ILE A 294 -4.03 -3.11 1.93
N ASP A 295 -4.89 -2.55 1.08
CA ASP A 295 -4.52 -1.60 0.04
C ASP A 295 -3.69 -2.24 -1.07
N PHE A 296 -4.38 -2.66 -2.11
CA PHE A 296 -3.79 -3.42 -3.20
C PHE A 296 -3.43 -2.55 -4.39
N GLU A 297 -3.33 -1.22 -4.20
CA GLU A 297 -3.05 -0.31 -5.32
C GLU A 297 -1.82 -0.75 -6.11
N TYR A 298 -0.79 -1.28 -5.45
CA TYR A 298 0.45 -1.64 -6.11
C TYR A 298 0.57 -3.14 -6.38
N ALA A 299 -0.42 -3.94 -6.00
CA ALA A 299 -0.30 -5.38 -6.15
C ALA A 299 -0.23 -5.77 -7.61
N SER A 300 0.62 -6.78 -7.94
CA SER A 300 0.77 -7.26 -9.30
C SER A 300 1.72 -8.46 -9.32
N PRO A 301 1.78 -9.21 -10.42
CA PRO A 301 2.75 -10.32 -10.51
C PRO A 301 4.18 -9.85 -10.28
N ASN A 302 4.86 -10.46 -9.34
CA ASN A 302 6.26 -10.16 -9.06
C ASN A 302 6.87 -11.37 -8.37
N PRO A 303 8.19 -11.50 -8.38
CA PRO A 303 8.80 -12.63 -7.69
C PRO A 303 8.49 -12.56 -6.20
N ARG A 304 8.22 -13.70 -5.59
CA ARG A 304 7.90 -13.69 -4.17
C ARG A 304 9.03 -13.09 -3.36
N GLY A 305 10.29 -13.34 -3.77
CA GLY A 305 11.42 -12.76 -3.06
C GLY A 305 11.46 -11.25 -3.14
N TYR A 306 10.89 -10.67 -4.21
CA TYR A 306 10.78 -9.22 -4.31
C TYR A 306 9.82 -8.70 -3.25
N ASP A 307 8.63 -9.29 -3.16
CA ASP A 307 7.64 -8.82 -2.20
C ASP A 307 8.17 -8.94 -0.77
N ILE A 308 8.85 -10.04 -0.47
CA ILE A 308 9.36 -10.24 0.87
C ILE A 308 10.50 -9.26 1.15
N ALA A 309 11.46 -9.16 0.22
CA ALA A 309 12.56 -8.21 0.39
C ALA A 309 12.04 -6.79 0.58
N ASN A 310 10.99 -6.42 -0.17
CA ASN A 310 10.41 -5.11 0.03
C ASN A 310 9.91 -4.96 1.47
N HIS A 311 9.23 -5.99 2.00
CA HIS A 311 8.76 -5.91 3.38
C HIS A 311 9.92 -5.71 4.35
N PHE A 312 11.03 -6.41 4.13
CA PHE A 312 12.18 -6.28 5.02
C PHE A 312 12.75 -4.87 4.96
N HIS A 313 12.84 -4.28 3.76
CA HIS A 313 13.26 -2.88 3.67
C HIS A 313 12.34 -1.99 4.50
N GLU A 314 11.04 -2.31 4.49
CA GLU A 314 10.05 -1.52 5.19
C GLU A 314 10.21 -1.61 6.70
N TRP A 315 10.94 -2.61 7.23
CA TRP A 315 11.30 -2.59 8.64
C TRP A 315 12.00 -1.30 9.04
N ARG A 316 12.72 -0.68 8.10
CA ARG A 316 13.46 0.53 8.45
C ARG A 316 12.55 1.74 8.61
N ALA A 317 11.29 1.63 8.14
CA ALA A 317 10.26 2.67 8.13
C ALA A 317 10.55 3.74 7.08
N ASN A 318 9.51 4.39 6.58
CA ASN A 318 9.63 5.42 5.55
C ASN A 318 10.64 4.98 4.47
N TYR A 319 10.36 3.83 3.88
CA TYR A 319 11.11 3.33 2.75
C TYR A 319 10.38 3.80 1.50
N HIS A 320 9.26 3.15 1.16
CA HIS A 320 8.35 3.71 0.17
C HIS A 320 7.83 5.07 0.62
N HIS A 321 7.25 5.11 1.81
CA HIS A 321 6.59 6.35 2.23
C HIS A 321 7.66 7.41 2.49
N PRO A 322 7.59 8.57 1.85
CA PRO A 322 8.52 9.64 2.15
C PRO A 322 8.31 10.21 3.55
N THR A 323 9.35 10.89 4.03
CA THR A 323 9.36 11.58 5.32
C THR A 323 9.07 13.06 5.10
N HIS A 324 8.22 13.63 5.95
CA HIS A 324 8.03 15.08 5.90
C HIS A 324 9.31 15.81 6.30
N SER A 325 9.50 16.98 5.70
CA SER A 325 10.73 17.74 5.91
C SER A 325 10.89 18.19 7.35
N HIS A 326 9.80 18.37 8.08
CA HIS A 326 9.93 18.81 9.46
C HIS A 326 10.20 17.66 10.43
N SER A 327 10.20 16.42 9.96
CA SER A 327 10.38 15.25 10.82
C SER A 327 11.73 14.59 10.56
N LEU A 328 12.23 13.89 11.59
CA LEU A 328 13.42 13.07 11.44
C LEU A 328 13.07 11.74 10.77
N ILE A 329 13.93 11.31 9.85
CA ILE A 329 13.77 10.00 9.21
C ILE A 329 13.88 8.91 10.27
N PRO A 330 12.89 7.98 10.37
CA PRO A 330 12.85 7.03 11.49
C PRO A 330 14.14 6.21 11.69
N HIS A 331 14.49 5.38 10.72
CA HIS A 331 15.67 4.51 10.78
C HIS A 331 15.55 3.45 11.88
N PHE A 332 14.60 2.55 11.71
CA PHE A 332 14.58 1.32 12.48
C PHE A 332 15.53 0.32 11.81
N PRO A 333 15.95 -0.73 12.53
CA PRO A 333 16.92 -1.66 11.93
C PRO A 333 16.28 -2.65 10.96
N TYR A 334 17.07 -3.00 9.94
CA TYR A 334 16.75 -4.09 9.03
C TYR A 334 16.74 -5.42 9.81
N PRO A 335 15.93 -6.40 9.40
CA PRO A 335 15.86 -7.67 10.15
C PRO A 335 17.19 -8.41 10.10
N THR A 336 17.57 -8.99 11.24
CA THR A 336 18.79 -9.79 11.33
C THR A 336 18.59 -11.12 10.60
N PRO A 337 19.67 -11.90 10.40
CA PRO A 337 19.47 -13.21 9.73
C PRO A 337 18.43 -14.09 10.40
N ILE A 338 18.36 -14.09 11.74
CA ILE A 338 17.42 -15.00 12.38
C ILE A 338 16.00 -14.46 12.35
N GLN A 339 15.82 -13.14 12.38
CA GLN A 339 14.47 -12.61 12.22
C GLN A 339 13.94 -12.88 10.82
N ARG A 340 14.81 -12.83 9.82
CA ARG A 340 14.37 -13.21 8.47
C ARG A 340 14.01 -14.68 8.42
N GLU A 341 14.76 -15.53 9.12
CA GLU A 341 14.47 -16.95 9.14
C GLU A 341 13.18 -17.26 9.88
N ASP A 342 12.95 -16.62 11.02
CA ASP A 342 11.63 -16.69 11.65
C ASP A 342 10.55 -16.37 10.62
N PHE A 343 10.78 -15.33 9.81
CA PHE A 343 9.79 -14.95 8.81
C PHE A 343 9.61 -16.04 7.76
N TYR A 344 10.71 -16.61 7.28
CA TYR A 344 10.62 -17.67 6.28
C TYR A 344 9.91 -18.89 6.84
N ARG A 345 10.27 -19.30 8.06
CA ARG A 345 9.63 -20.47 8.64
C ARG A 345 8.13 -20.26 8.76
N SER A 346 7.73 -19.11 9.32
CA SER A 346 6.30 -18.82 9.41
C SER A 346 5.66 -18.82 8.01
N TYR A 347 6.35 -18.23 7.04
CA TYR A 347 5.83 -18.14 5.67
C TYR A 347 5.66 -19.52 5.03
N LEU A 348 6.68 -20.37 5.12
CA LEU A 348 6.64 -21.67 4.46
C LEU A 348 5.88 -22.72 5.24
N SER A 349 5.53 -22.46 6.51
CA SER A 349 4.77 -23.42 7.29
C SER A 349 3.31 -23.52 6.84
N VAL A 350 2.90 -22.65 5.92
CA VAL A 350 1.53 -22.60 5.42
C VAL A 350 1.56 -23.12 4.00
N GLU A 351 0.72 -24.13 3.73
CA GLU A 351 0.55 -24.67 2.39
C GLU A 351 -0.92 -24.59 2.01
N VAL A 352 -1.18 -24.19 0.76
CA VAL A 352 -2.53 -24.15 0.21
C VAL A 352 -2.57 -25.14 -0.94
N ASP A 353 -3.37 -26.20 -0.78
CA ASP A 353 -3.53 -27.18 -1.85
C ASP A 353 -4.11 -26.49 -3.08
N GLY A 354 -3.32 -26.45 -4.16
CA GLY A 354 -3.77 -25.81 -5.38
C GLY A 354 -4.94 -26.50 -6.05
N ARG A 355 -5.14 -27.80 -5.79
CA ARG A 355 -6.24 -28.52 -6.45
C ARG A 355 -7.59 -28.08 -5.88
N ASN A 356 -7.75 -28.09 -4.56
CA ASN A 356 -9.02 -27.78 -3.94
C ASN A 356 -9.05 -26.46 -3.17
N GLY A 357 -7.90 -25.84 -2.93
CA GLY A 357 -7.85 -24.58 -2.22
C GLY A 357 -7.71 -24.68 -0.72
N GLU A 358 -7.75 -25.88 -0.14
CA GLU A 358 -7.67 -26.02 1.31
C GLU A 358 -6.32 -25.51 1.83
N GLU A 359 -6.36 -24.75 2.91
CA GLU A 359 -5.15 -24.33 3.61
C GLU A 359 -4.90 -25.23 4.80
N VAL A 360 -3.68 -25.75 4.90
CA VAL A 360 -3.21 -26.49 6.07
C VAL A 360 -2.01 -25.76 6.64
N VAL A 361 -1.95 -25.65 7.97
CA VAL A 361 -0.89 -24.95 8.67
C VAL A 361 -0.09 -25.96 9.46
N GLY A 362 1.23 -25.95 9.29
CA GLY A 362 2.13 -26.82 10.01
C GLY A 362 3.02 -26.07 10.99
N LYS A 363 3.85 -26.86 11.68
CA LYS A 363 4.82 -26.30 12.63
C LYS A 363 5.94 -25.59 11.89
N ARG A 364 6.35 -24.44 12.42
CA ARG A 364 7.48 -23.72 11.83
C ARG A 364 8.78 -24.52 11.92
N LYS A 365 8.92 -25.35 12.96
CA LYS A 365 10.16 -26.11 13.14
C LYS A 365 10.33 -27.16 12.06
N ASP A 366 9.22 -27.67 11.50
CA ASP A 366 9.29 -28.73 10.51
C ASP A 366 9.63 -28.23 9.11
N VAL A 367 9.69 -26.93 8.89
CA VAL A 367 10.11 -26.43 7.57
C VAL A 367 11.55 -26.84 7.33
N PRO A 368 11.90 -27.39 6.16
CA PRO A 368 13.28 -27.82 5.94
C PRO A 368 14.21 -26.65 5.70
N ALA A 369 15.46 -26.81 6.14
CA ALA A 369 16.43 -25.73 6.10
C ALA A 369 16.84 -25.35 4.68
N ASP A 370 16.86 -26.31 3.75
CA ASP A 370 17.17 -25.97 2.37
C ASP A 370 16.09 -25.08 1.77
N LYS A 371 14.83 -25.29 2.16
CA LYS A 371 13.76 -24.41 1.70
C LYS A 371 13.92 -23.01 2.29
N VAL A 372 14.34 -22.93 3.55
CA VAL A 372 14.53 -21.64 4.21
C VAL A 372 15.71 -20.88 3.58
N ALA A 373 16.82 -21.59 3.33
CA ALA A 373 17.99 -20.93 2.75
C ALA A 373 17.75 -20.55 1.30
N ALA A 374 16.97 -21.35 0.56
CA ALA A 374 16.68 -21.01 -0.82
C ALA A 374 15.84 -19.75 -0.92
N LEU A 375 14.94 -19.55 0.04
CA LEU A 375 14.12 -18.34 0.05
C LEU A 375 14.97 -17.13 0.37
N GLU A 376 15.90 -17.28 1.32
CA GLU A 376 16.86 -16.21 1.62
C GLU A 376 17.61 -15.77 0.36
N HIS A 377 18.06 -16.72 -0.46
CA HIS A 377 18.75 -16.36 -1.69
C HIS A 377 17.84 -15.61 -2.64
N GLU A 378 16.58 -16.05 -2.78
CA GLU A 378 15.61 -15.29 -3.57
C GLU A 378 15.51 -13.85 -3.08
N VAL A 379 15.32 -13.68 -1.77
CA VAL A 379 15.22 -12.34 -1.20
C VAL A 379 16.46 -11.52 -1.54
N ARG A 380 17.65 -12.09 -1.32
CA ARG A 380 18.90 -11.37 -1.58
C ARG A 380 18.96 -10.92 -3.04
N ILE A 381 18.51 -11.77 -3.97
CA ILE A 381 18.65 -11.47 -5.38
C ILE A 381 17.71 -10.33 -5.79
N TRP A 382 16.50 -10.32 -5.24
CA TRP A 382 15.50 -9.33 -5.64
C TRP A 382 15.54 -8.05 -4.81
N SER A 383 16.24 -8.04 -3.67
CA SER A 383 16.19 -6.90 -2.76
C SER A 383 16.67 -5.58 -3.38
N PRO A 384 17.73 -5.52 -4.20
CA PRO A 384 18.08 -4.22 -4.79
C PRO A 384 17.02 -3.70 -5.73
N GLY A 385 16.22 -4.59 -6.31
CA GLY A 385 15.16 -4.13 -7.20
C GLY A 385 14.16 -3.23 -6.50
N CYS A 386 13.91 -3.48 -5.21
CA CYS A 386 12.94 -2.69 -4.48
C CYS A 386 13.38 -1.23 -4.38
N SER A 387 14.69 -1.00 -4.24
CA SER A 387 15.20 0.37 -4.06
C SER A 387 15.18 1.14 -5.37
N ILE A 388 15.61 0.53 -6.47
CA ILE A 388 15.54 1.25 -7.73
C ILE A 388 14.07 1.47 -8.09
N ASN A 389 13.20 0.52 -7.72
CA ASN A 389 11.77 0.69 -7.93
C ASN A 389 11.27 1.98 -7.27
N TRP A 390 11.47 2.10 -5.95
CA TRP A 390 10.99 3.31 -5.28
C TRP A 390 11.81 4.53 -5.65
N ALA A 391 13.09 4.38 -6.01
CA ALA A 391 13.86 5.52 -6.45
C ALA A 391 13.24 6.15 -7.69
N LEU A 392 12.96 5.34 -8.70
CA LEU A 392 12.34 5.89 -9.92
C LEU A 392 10.93 6.38 -9.65
N TRP A 393 10.18 5.67 -8.81
CA TRP A 393 8.89 6.19 -8.36
C TRP A 393 9.04 7.56 -7.72
N GLY A 394 10.14 7.79 -7.00
CA GLY A 394 10.34 9.08 -6.36
C GLY A 394 10.58 10.19 -7.37
N LEU A 395 11.40 9.93 -8.40
CA LEU A 395 11.65 10.97 -9.38
C LEU A 395 10.36 11.36 -10.08
N VAL A 396 9.43 10.41 -10.23
CA VAL A 396 8.15 10.70 -10.85
C VAL A 396 7.28 11.59 -9.95
N GLN A 397 7.22 11.30 -8.65
CA GLN A 397 6.47 12.17 -7.74
C GLN A 397 7.10 13.57 -7.66
N ALA A 398 8.37 13.70 -8.02
CA ALA A 398 9.03 15.00 -7.95
C ALA A 398 8.61 15.97 -9.05
N GLU A 399 7.67 15.60 -9.94
CA GLU A 399 7.24 16.51 -11.01
C GLU A 399 6.94 17.90 -10.47
N GLU A 400 6.18 17.98 -9.38
CA GLU A 400 5.72 19.27 -8.90
C GLU A 400 6.85 20.06 -8.26
N GLN A 401 7.69 19.41 -7.46
CA GLN A 401 8.85 20.09 -6.87
C GLN A 401 9.77 20.63 -7.95
N VAL A 402 10.03 19.83 -8.99
CA VAL A 402 10.90 20.27 -10.08
C VAL A 402 10.28 21.47 -10.79
N CYS A 403 8.97 21.38 -11.10
CA CYS A 403 8.30 22.49 -11.79
C CYS A 403 8.44 23.79 -11.02
N ALA A 404 8.37 23.70 -9.69
CA ALA A 404 8.54 24.87 -8.84
C ALA A 404 9.98 25.34 -8.85
N LEU A 405 10.92 24.42 -8.64
CA LEU A 405 12.34 24.75 -8.70
C LEU A 405 12.69 25.41 -10.02
N ALA A 406 12.22 24.82 -11.14
CA ALA A 406 12.51 25.38 -12.46
C ALA A 406 11.89 26.75 -12.64
N THR A 407 10.76 27.02 -11.99
CA THR A 407 10.14 28.34 -12.05
C THR A 407 10.70 29.28 -10.99
N LYS A 408 11.32 28.76 -9.94
CA LYS A 408 11.73 29.55 -8.78
C LYS A 408 10.54 30.27 -8.16
N LYS A 409 9.47 29.51 -7.91
CA LYS A 409 8.31 30.00 -7.18
C LYS A 409 8.71 30.44 -5.78
N GLU A 410 8.53 31.73 -5.48
CA GLU A 410 9.03 32.30 -4.23
C GLU A 410 8.49 31.55 -3.03
N GLY A 411 9.38 31.30 -2.06
CA GLY A 411 9.05 30.67 -0.81
C GLY A 411 8.65 29.21 -0.88
N TYR A 412 8.77 28.57 -2.04
CA TYR A 412 8.32 27.18 -2.16
C TYR A 412 9.11 26.28 -1.25
N VAL A 413 8.41 25.43 -0.52
CA VAL A 413 9.01 24.39 0.31
C VAL A 413 8.19 23.15 0.02
N PRO A 414 8.78 22.09 -0.54
CA PRO A 414 7.98 20.92 -0.92
C PRO A 414 7.51 20.14 0.31
N GLU A 415 6.28 19.64 0.21
CA GLU A 415 5.74 18.81 1.29
C GLU A 415 6.63 17.60 1.53
N PHE A 416 7.08 16.95 0.48
CA PHE A 416 8.11 15.92 0.53
C PHE A 416 9.25 16.30 -0.42
N ASP A 417 10.48 16.11 0.03
CA ASP A 417 11.65 16.31 -0.83
C ASP A 417 11.89 15.03 -1.61
N TYR A 418 11.20 14.91 -2.74
CA TYR A 418 11.28 13.67 -3.50
C TYR A 418 12.61 13.53 -4.22
N LEU A 419 13.22 14.65 -4.62
CA LEU A 419 14.55 14.59 -5.20
C LEU A 419 15.54 13.91 -4.26
N SER A 420 15.61 14.38 -3.02
CA SER A 420 16.48 13.73 -2.03
C SER A 420 16.06 12.30 -1.78
N TYR A 421 14.75 12.06 -1.69
CA TYR A 421 14.23 10.70 -1.49
C TYR A 421 14.78 9.77 -2.55
N ALA A 422 14.82 10.23 -3.80
CA ALA A 422 15.23 9.37 -4.91
C ALA A 422 16.73 9.12 -4.91
N ALA A 423 17.53 10.17 -4.72
CA ALA A 423 18.98 9.99 -4.59
C ALA A 423 19.29 8.92 -3.55
N GLU A 424 18.69 9.04 -2.37
CA GLU A 424 18.98 8.11 -1.28
C GLU A 424 18.68 6.67 -1.68
N ARG A 425 17.50 6.43 -2.27
CA ARG A 425 17.14 5.05 -2.61
C ARG A 425 17.94 4.54 -3.78
N LEU A 426 18.30 5.44 -4.71
CA LEU A 426 19.16 5.03 -5.81
C LEU A 426 20.51 4.57 -5.29
N GLU A 427 21.06 5.25 -4.29
CA GLU A 427 22.32 4.79 -3.70
C GLU A 427 22.12 3.51 -2.89
N MET A 428 20.95 3.31 -2.29
CA MET A 428 20.67 2.02 -1.66
C MET A 428 20.72 0.90 -2.70
N PHE A 429 20.08 1.13 -3.85
CA PHE A 429 20.13 0.16 -4.95
C PHE A 429 21.56 -0.12 -5.38
N ARG A 430 22.31 0.94 -5.72
CA ARG A 430 23.67 0.74 -6.22
C ARG A 430 24.52 0.00 -5.19
N ASP A 431 24.33 0.31 -3.91
CA ASP A 431 25.20 -0.30 -2.91
C ASP A 431 24.83 -1.76 -2.69
N GLU A 432 23.53 -2.06 -2.51
CA GLU A 432 23.14 -3.45 -2.31
C GLU A 432 23.46 -4.30 -3.55
N ALA A 433 23.29 -3.72 -4.74
CA ALA A 433 23.58 -4.46 -5.97
C ALA A 433 25.07 -4.76 -6.09
N LYS A 434 25.93 -3.81 -5.71
CA LYS A 434 27.37 -4.06 -5.73
C LYS A 434 27.74 -5.17 -4.74
N LYS A 435 27.27 -5.06 -3.49
CA LYS A 435 27.54 -6.09 -2.50
C LYS A 435 26.87 -7.42 -2.81
N LEU A 436 25.86 -7.44 -3.68
CA LEU A 436 25.30 -8.72 -4.13
C LEU A 436 26.20 -9.40 -5.17
N GLY A 437 26.78 -8.61 -6.08
CA GLY A 437 27.69 -9.15 -7.08
C GLY A 437 27.44 -8.59 -8.47
N VAL A 438 26.56 -7.61 -8.57
CA VAL A 438 26.18 -7.09 -9.88
C VAL A 438 27.30 -6.18 -10.39
N PRO A 439 27.82 -6.43 -11.58
CA PRO A 439 28.84 -5.54 -12.14
C PRO A 439 28.27 -4.20 -12.59
N LEU A 440 27.84 -3.37 -11.65
CA LEU A 440 27.28 -2.07 -11.99
C LEU A 440 28.38 -1.01 -12.07
#